data_1OVS
#
_entry.id   1OVS
#
_cell.length_a   48.80
_cell.length_b   72.05
_cell.length_c   99.71
_cell.angle_alpha   90.0
_cell.angle_beta   90.0
_cell.angle_gamma   90.0
#
_symmetry.space_group_name_H-M   'P 21 21 21'
#
loop_
_entity.id
_entity.type
_entity.pdbx_description
1 polymer 'hypothetical protein LecB'
2 branched alpha-D-mannopyranose-(1-3)-alpha-D-mannopyranose
3 non-polymer 'CALCIUM ION'
4 non-polymer alpha-D-mannopyranose
5 water water
#
_entity_poly.entity_id   1
_entity_poly.type   'polypeptide(L)'
_entity_poly.pdbx_seq_one_letter_code
;ATQGVFTLPANTRFGVTAFANSSGTQTVNVLVNNETAATFSGQSTNNAVIGTQVLNSGSSGKVQVQVSVNGRPSDLVSAQ
VILTNELNFALVGSEDGTDNDYNDAVVVINWPLG
;
_entity_poly.pdbx_strand_id   A,B,C,D
#
# COMPACT_ATOMS: atom_id res chain seq x y z
N ALA A 1 5.64 16.15 -4.22
CA ALA A 1 4.66 15.66 -5.23
C ALA A 1 3.24 15.95 -4.80
N THR A 2 2.33 16.02 -5.77
CA THR A 2 0.92 16.26 -5.47
C THR A 2 0.42 15.13 -4.59
N GLN A 3 -0.45 15.46 -3.63
CA GLN A 3 -1.01 14.47 -2.73
C GLN A 3 -2.50 14.75 -2.52
N GLY A 4 -3.24 13.73 -2.10
CA GLY A 4 -4.66 13.89 -1.85
C GLY A 4 -5.54 13.86 -3.08
N VAL A 5 -4.95 13.52 -4.23
CA VAL A 5 -5.72 13.45 -5.47
C VAL A 5 -5.80 12.00 -5.96
N PHE A 6 -7.01 11.53 -6.23
CA PHE A 6 -7.20 10.15 -6.66
C PHE A 6 -8.14 10.07 -7.86
N THR A 7 -7.83 9.17 -8.80
CA THR A 7 -8.70 8.99 -9.95
C THR A 7 -9.48 7.69 -9.72
N LEU A 8 -10.76 7.82 -9.38
CA LEU A 8 -11.63 6.67 -9.14
C LEU A 8 -12.37 6.38 -10.44
N PRO A 9 -13.02 5.20 -10.54
CA PRO A 9 -13.75 4.93 -11.77
C PRO A 9 -14.83 6.02 -11.83
N ALA A 10 -15.21 6.45 -13.02
CA ALA A 10 -16.20 7.51 -13.18
C ALA A 10 -17.62 7.17 -12.74
N ASN A 11 -18.37 8.21 -12.35
CA ASN A 11 -19.77 8.08 -11.94
C ASN A 11 -19.94 6.88 -11.00
N THR A 12 -19.05 6.76 -10.02
CA THR A 12 -19.07 5.66 -9.07
C THR A 12 -19.21 6.16 -7.65
N ARG A 13 -19.99 5.43 -6.85
CA ARG A 13 -20.20 5.81 -5.46
C ARG A 13 -19.03 5.36 -4.60
N PHE A 14 -18.59 6.24 -3.71
CA PHE A 14 -17.50 5.92 -2.80
C PHE A 14 -17.82 6.51 -1.44
N GLY A 15 -17.16 6.00 -0.41
CA GLY A 15 -17.37 6.53 0.91
C GLY A 15 -16.18 7.37 1.29
N VAL A 16 -16.40 8.41 2.07
CA VAL A 16 -15.30 9.25 2.54
C VAL A 16 -15.57 9.47 4.03
N THR A 17 -14.55 9.19 4.84
CA THR A 17 -14.67 9.31 6.28
C THR A 17 -13.41 9.98 6.82
N ALA A 18 -13.60 10.92 7.75
CA ALA A 18 -12.49 11.64 8.35
C ALA A 18 -12.44 11.44 9.86
N PHE A 19 -11.22 11.27 10.36
CA PHE A 19 -10.93 11.06 11.78
C PHE A 19 -10.04 12.23 12.21
N ALA A 20 -10.18 12.69 13.44
CA ALA A 20 -9.35 13.80 13.92
C ALA A 20 -8.47 13.41 15.11
N ASN A 21 -7.23 13.89 15.09
CA ASN A 21 -6.27 13.64 16.17
C ASN A 21 -5.43 14.90 16.30
N SER A 22 -6.04 15.96 16.82
CA SER A 22 -5.36 17.24 16.97
C SER A 22 -6.14 18.18 17.90
N SER A 23 -5.45 19.16 18.46
CA SER A 23 -6.11 20.13 19.33
C SER A 23 -6.82 21.16 18.46
N GLY A 24 -6.47 21.17 17.18
CA GLY A 24 -7.07 22.10 16.25
C GLY A 24 -8.26 21.53 15.52
N THR A 25 -9.23 22.39 15.23
CA THR A 25 -10.42 21.96 14.50
C THR A 25 -10.02 21.71 13.05
N GLN A 26 -10.34 20.52 12.56
CA GLN A 26 -10.00 20.11 11.20
C GLN A 26 -11.13 20.40 10.22
N THR A 27 -10.77 20.96 9.07
CA THR A 27 -11.73 21.23 8.01
C THR A 27 -11.31 20.39 6.82
N VAL A 28 -12.10 19.38 6.49
CA VAL A 28 -11.78 18.49 5.38
C VAL A 28 -12.70 18.73 4.20
N ASN A 29 -12.14 19.21 3.10
CA ASN A 29 -12.92 19.47 1.90
C ASN A 29 -12.70 18.36 0.89
N VAL A 30 -13.80 17.86 0.33
CA VAL A 30 -13.72 16.81 -0.67
C VAL A 30 -14.28 17.37 -1.97
N LEU A 31 -13.45 17.43 -3.00
CA LEU A 31 -13.89 17.96 -4.28
C LEU A 31 -14.02 16.84 -5.30
N VAL A 32 -15.10 16.88 -6.06
CA VAL A 32 -15.36 15.87 -7.08
C VAL A 32 -15.52 16.63 -8.38
N ASN A 33 -14.74 16.23 -9.38
CA ASN A 33 -14.77 16.86 -10.70
C ASN A 33 -14.49 18.36 -10.55
N ASN A 34 -13.55 18.67 -9.66
CA ASN A 34 -13.11 20.04 -9.38
C ASN A 34 -14.11 20.99 -8.74
N GLU A 35 -15.06 20.43 -7.99
CA GLU A 35 -16.06 21.23 -7.30
C GLU A 35 -16.26 20.60 -5.93
N THR A 36 -16.33 21.42 -4.88
CA THR A 36 -16.54 20.90 -3.54
C THR A 36 -17.84 20.10 -3.50
N ALA A 37 -17.77 18.88 -2.99
CA ALA A 37 -18.94 18.02 -2.91
C ALA A 37 -19.30 17.70 -1.46
N ALA A 38 -18.36 17.95 -0.55
CA ALA A 38 -18.60 17.69 0.86
C ALA A 38 -17.51 18.33 1.71
N THR A 39 -17.90 18.73 2.92
CA THR A 39 -16.95 19.33 3.83
C THR A 39 -17.26 18.86 5.25
N PHE A 40 -16.23 18.38 5.94
CA PHE A 40 -16.38 17.92 7.31
C PHE A 40 -15.58 18.85 8.21
N SER A 41 -16.11 19.13 9.39
CA SER A 41 -15.45 19.98 10.37
C SER A 41 -15.62 19.35 11.74
N GLY A 42 -14.54 19.26 12.49
CA GLY A 42 -14.63 18.67 13.82
C GLY A 42 -13.30 18.71 14.54
N GLN A 43 -13.34 18.44 15.84
CA GLN A 43 -12.14 18.45 16.64
C GLN A 43 -12.15 17.26 17.57
N SER A 44 -11.00 16.59 17.66
CA SER A 44 -10.83 15.43 18.52
C SER A 44 -9.37 15.09 18.63
N THR A 45 -8.97 14.56 19.78
CA THR A 45 -7.60 14.14 19.98
C THR A 45 -7.67 12.66 20.29
N ASN A 46 -8.83 12.06 19.98
CA ASN A 46 -9.02 10.63 20.26
C ASN A 46 -9.56 9.85 19.06
N ASN A 47 -9.21 10.32 17.86
CA ASN A 47 -9.58 9.66 16.60
C ASN A 47 -11.08 9.58 16.29
N ALA A 48 -11.87 10.50 16.83
CA ALA A 48 -13.29 10.48 16.59
C ALA A 48 -13.58 10.83 15.13
N VAL A 49 -14.65 10.24 14.60
CA VAL A 49 -15.05 10.51 13.22
C VAL A 49 -15.67 11.90 13.22
N ILE A 50 -15.17 12.79 12.37
CA ILE A 50 -15.72 14.13 12.30
C ILE A 50 -16.64 14.28 11.10
N GLY A 51 -16.79 13.19 10.36
CA GLY A 51 -17.66 13.20 9.20
C GLY A 51 -17.50 11.95 8.36
N THR A 52 -18.61 11.52 7.75
CA THR A 52 -18.59 10.36 6.88
C THR A 52 -19.78 10.53 5.94
N GLN A 53 -19.56 10.28 4.66
CA GLN A 53 -20.63 10.46 3.69
C GLN A 53 -20.37 9.62 2.45
N VAL A 54 -21.43 9.39 1.68
CA VAL A 54 -21.32 8.64 0.44
C VAL A 54 -21.47 9.66 -0.69
N LEU A 55 -20.51 9.66 -1.61
CA LEU A 55 -20.51 10.58 -2.74
C LEU A 55 -20.35 9.86 -4.06
N ASN A 56 -20.48 10.61 -5.15
CA ASN A 56 -20.33 10.06 -6.50
C ASN A 56 -19.06 10.69 -7.11
N SER A 57 -18.26 9.87 -7.78
CA SER A 57 -16.99 10.32 -8.37
C SER A 57 -17.06 11.29 -9.54
N GLY A 58 -18.26 11.55 -10.05
CA GLY A 58 -18.38 12.49 -11.15
C GLY A 58 -17.94 11.97 -12.50
N SER A 59 -18.07 12.80 -13.53
CA SER A 59 -17.72 12.40 -14.88
C SER A 59 -16.25 12.03 -15.11
N SER A 60 -15.32 12.63 -14.38
CA SER A 60 -13.92 12.31 -14.58
C SER A 60 -13.39 11.28 -13.56
N GLY A 61 -14.11 11.14 -12.45
CA GLY A 61 -13.67 10.21 -11.42
C GLY A 61 -12.66 10.87 -10.51
N LYS A 62 -12.31 12.12 -10.84
CA LYS A 62 -11.34 12.85 -10.05
C LYS A 62 -11.87 13.27 -8.69
N VAL A 63 -11.20 12.82 -7.63
CA VAL A 63 -11.59 13.16 -6.27
C VAL A 63 -10.38 13.73 -5.56
N GLN A 64 -10.55 14.90 -4.95
CA GLN A 64 -9.45 15.53 -4.23
C GLN A 64 -9.83 15.88 -2.80
N VAL A 65 -8.92 15.58 -1.88
CA VAL A 65 -9.12 15.87 -0.48
C VAL A 65 -8.18 17.00 -0.09
N GLN A 66 -8.71 17.99 0.62
CA GLN A 66 -7.90 19.10 1.11
C GLN A 66 -8.20 19.28 2.59
N VAL A 67 -7.16 19.51 3.38
CA VAL A 67 -7.35 19.71 4.81
C VAL A 67 -6.75 21.02 5.27
N SER A 68 -7.50 21.75 6.08
CA SER A 68 -7.03 23.03 6.59
C SER A 68 -7.50 23.21 8.04
N VAL A 69 -6.76 24.02 8.79
CA VAL A 69 -7.09 24.31 10.17
C VAL A 69 -7.13 25.83 10.29
N ASN A 70 -8.34 26.35 10.47
CA ASN A 70 -8.54 27.80 10.56
C ASN A 70 -7.91 28.49 9.36
N GLY A 71 -8.23 27.96 8.17
CA GLY A 71 -7.73 28.56 6.94
C GLY A 71 -6.35 28.13 6.48
N ARG A 72 -5.54 27.59 7.39
CA ARG A 72 -4.19 27.15 7.05
C ARG A 72 -4.16 25.74 6.47
N PRO A 73 -3.72 25.61 5.20
CA PRO A 73 -3.65 24.29 4.56
C PRO A 73 -2.68 23.36 5.29
N SER A 74 -3.09 22.11 5.47
CA SER A 74 -2.23 21.13 6.14
C SER A 74 -1.44 20.39 5.06
N ASP A 75 -0.23 19.94 5.41
CA ASP A 75 0.58 19.21 4.46
C ASP A 75 -0.02 17.80 4.41
N LEU A 76 -0.17 17.27 3.20
CA LEU A 76 -0.78 15.96 3.04
C LEU A 76 0.18 14.86 2.60
N VAL A 77 -0.20 13.62 2.90
CA VAL A 77 0.54 12.44 2.49
C VAL A 77 -0.60 11.53 2.06
N SER A 78 -0.39 10.73 1.04
CA SER A 78 -1.47 9.85 0.59
C SER A 78 -1.01 8.73 -0.30
N ALA A 79 -1.92 7.79 -0.54
CA ALA A 79 -1.64 6.66 -1.41
C ALA A 79 -2.93 5.88 -1.62
N GLN A 80 -2.95 5.07 -2.66
CA GLN A 80 -4.11 4.24 -2.98
C GLN A 80 -3.65 2.79 -2.94
N VAL A 81 -4.45 1.94 -2.31
CA VAL A 81 -4.14 0.53 -2.20
C VAL A 81 -5.31 -0.27 -2.76
N ILE A 82 -5.01 -1.33 -3.51
CA ILE A 82 -6.03 -2.17 -4.09
C ILE A 82 -5.79 -3.62 -3.66
N LEU A 83 -6.80 -4.22 -3.05
CA LEU A 83 -6.70 -5.60 -2.58
C LEU A 83 -7.51 -6.51 -3.50
N THR A 84 -6.96 -7.69 -3.74
CA THR A 84 -7.54 -8.71 -4.61
C THR A 84 -8.08 -8.11 -5.90
N ASN A 85 -7.33 -7.13 -6.40
CA ASN A 85 -7.61 -6.45 -7.67
C ASN A 85 -9.03 -5.90 -7.80
N GLU A 86 -9.65 -5.51 -6.68
CA GLU A 86 -11.00 -4.99 -6.75
C GLU A 86 -11.42 -4.06 -5.61
N LEU A 87 -10.89 -4.29 -4.41
CA LEU A 87 -11.23 -3.47 -3.24
C LEU A 87 -10.26 -2.29 -3.11
N ASN A 88 -10.79 -1.07 -3.17
CA ASN A 88 -9.97 0.13 -3.14
C ASN A 88 -10.00 1.02 -1.91
N PHE A 89 -8.81 1.51 -1.54
CA PHE A 89 -8.63 2.40 -0.41
C PHE A 89 -7.81 3.60 -0.90
N ALA A 90 -8.35 4.80 -0.70
CA ALA A 90 -7.64 6.03 -1.06
C ALA A 90 -7.39 6.61 0.34
N LEU A 91 -6.13 6.72 0.71
CA LEU A 91 -5.77 7.17 2.04
C LEU A 91 -5.06 8.51 2.13
N VAL A 92 -5.46 9.31 3.11
CA VAL A 92 -4.85 10.62 3.31
C VAL A 92 -4.54 10.90 4.78
N GLY A 93 -3.35 11.45 5.00
CA GLY A 93 -2.92 11.83 6.33
C GLY A 93 -2.58 13.30 6.19
N SER A 94 -2.65 14.06 7.26
CA SER A 94 -2.34 15.47 7.20
C SER A 94 -1.66 15.99 8.46
N GLU A 95 -0.83 17.01 8.29
CA GLU A 95 -0.10 17.60 9.41
C GLU A 95 -0.42 19.08 9.48
N ASP A 96 -0.93 19.52 10.62
CA ASP A 96 -1.29 20.92 10.82
C ASP A 96 -0.26 21.66 11.67
N GLY A 97 0.74 20.94 12.16
CA GLY A 97 1.77 21.54 12.98
C GLY A 97 3.19 21.18 12.60
N THR A 98 4.00 20.81 13.59
CA THR A 98 5.38 20.44 13.33
C THR A 98 5.83 19.15 14.01
N ASP A 99 4.94 18.46 14.70
CA ASP A 99 5.31 17.22 15.37
C ASP A 99 5.36 16.08 14.35
N ASN A 100 4.84 16.37 13.16
CA ASN A 100 4.81 15.43 12.05
C ASN A 100 4.28 14.02 12.29
N ASP A 101 3.13 13.89 12.95
CA ASP A 101 2.56 12.56 13.17
C ASP A 101 1.56 12.31 12.03
N TYR A 102 1.32 13.35 11.24
CA TYR A 102 0.42 13.27 10.09
C TYR A 102 -0.92 12.58 10.28
N ASN A 103 -1.48 12.70 11.48
CA ASN A 103 -2.76 12.06 11.80
C ASN A 103 -3.78 13.11 12.23
N ASP A 104 -3.37 14.37 12.22
CA ASP A 104 -4.26 15.45 12.67
C ASP A 104 -5.65 15.31 12.04
N ALA A 105 -5.67 14.96 10.76
CA ALA A 105 -6.90 14.71 10.04
C ALA A 105 -6.57 13.51 9.16
N VAL A 106 -7.22 12.39 9.42
CA VAL A 106 -6.99 11.16 8.65
C VAL A 106 -8.25 10.93 7.84
N VAL A 107 -8.08 10.73 6.54
CA VAL A 107 -9.22 10.52 5.66
C VAL A 107 -9.11 9.21 4.89
N VAL A 108 -10.19 8.44 4.93
CA VAL A 108 -10.23 7.17 4.23
C VAL A 108 -11.35 7.21 3.20
N ILE A 109 -11.00 6.92 1.95
CA ILE A 109 -11.97 6.85 0.88
C ILE A 109 -11.97 5.39 0.46
N ASN A 110 -13.15 4.79 0.40
CA ASN A 110 -13.24 3.40 0.00
C ASN A 110 -14.33 3.14 -1.02
N TRP A 111 -14.07 2.18 -1.90
CA TRP A 111 -15.03 1.79 -2.92
C TRP A 111 -14.60 0.40 -3.40
N PRO A 112 -15.54 -0.36 -3.96
CA PRO A 112 -16.94 -0.01 -4.17
C PRO A 112 -17.74 -0.06 -2.86
N LEU A 113 -18.97 0.44 -2.92
CA LEU A 113 -19.87 0.41 -1.78
C LEU A 113 -21.02 -0.52 -2.16
N GLY A 114 -21.93 -0.74 -1.23
CA GLY A 114 -23.09 -1.58 -1.47
C GLY A 114 -22.91 -3.08 -1.28
N ALA B 1 -2.87 -17.46 2.18
CA ALA B 1 -2.02 -16.85 3.25
C ALA B 1 -2.88 -16.26 4.35
N THR B 2 -2.31 -16.09 5.53
CA THR B 2 -3.04 -15.51 6.64
C THR B 2 -3.34 -14.05 6.34
N GLN B 3 -4.54 -13.61 6.74
CA GLN B 3 -4.97 -12.23 6.51
C GLN B 3 -5.64 -11.69 7.76
N GLY B 4 -5.60 -10.37 7.92
CA GLY B 4 -6.23 -9.75 9.06
C GLY B 4 -5.40 -9.71 10.33
N VAL B 5 -4.14 -10.14 10.25
CA VAL B 5 -3.24 -10.13 11.41
C VAL B 5 -2.17 -9.06 11.21
N PHE B 6 -1.99 -8.21 12.22
CA PHE B 6 -1.01 -7.12 12.10
C PHE B 6 -0.19 -6.98 13.37
N THR B 7 1.09 -6.66 13.20
CA THR B 7 1.97 -6.45 14.34
C THR B 7 2.20 -4.95 14.51
N LEU B 8 1.63 -4.39 15.57
CA LEU B 8 1.79 -2.97 15.85
C LEU B 8 2.88 -2.78 16.88
N PRO B 9 3.39 -1.54 17.01
CA PRO B 9 4.43 -1.33 18.02
C PRO B 9 3.75 -1.61 19.36
N ALA B 10 4.50 -2.17 20.29
CA ALA B 10 3.94 -2.51 21.60
C ALA B 10 3.37 -1.32 22.38
N ASN B 11 2.40 -1.63 23.25
CA ASN B 11 1.74 -0.65 24.11
C ASN B 11 1.45 0.66 23.40
N THR B 12 0.81 0.57 22.25
CA THR B 12 0.48 1.75 21.47
C THR B 12 -1.01 1.78 21.24
N ARG B 13 -1.62 2.93 21.46
CA ARG B 13 -3.05 3.05 21.26
C ARG B 13 -3.30 3.23 19.78
N PHE B 14 -4.31 2.54 19.27
CA PHE B 14 -4.66 2.64 17.86
C PHE B 14 -6.17 2.70 17.72
N GLY B 15 -6.62 3.17 16.57
CA GLY B 15 -8.04 3.24 16.33
C GLY B 15 -8.43 2.09 15.41
N VAL B 16 -9.62 1.55 15.62
CA VAL B 16 -10.14 0.47 14.78
C VAL B 16 -11.56 0.88 14.44
N THR B 17 -11.90 0.82 13.16
CA THR B 17 -13.21 1.24 12.69
C THR B 17 -13.74 0.28 11.62
N ALA B 18 -15.03 -0.04 11.69
CA ALA B 18 -15.64 -0.95 10.73
C ALA B 18 -16.72 -0.28 9.89
N PHE B 19 -16.79 -0.71 8.63
CA PHE B 19 -17.76 -0.19 7.66
C PHE B 19 -18.55 -1.38 7.12
N ALA B 20 -19.84 -1.19 6.87
CA ALA B 20 -20.67 -2.27 6.35
C ALA B 20 -21.23 -1.95 4.97
N ASN B 21 -21.19 -2.95 4.09
CA ASN B 21 -21.69 -2.83 2.72
C ASN B 21 -22.21 -4.21 2.31
N SER B 22 -23.33 -4.60 2.90
CA SER B 22 -23.91 -5.91 2.61
C SER B 22 -25.34 -5.99 3.14
N SER B 23 -26.14 -6.90 2.60
CA SER B 23 -27.51 -7.07 3.06
C SER B 23 -27.48 -7.95 4.30
N GLY B 24 -26.34 -8.63 4.51
CA GLY B 24 -26.20 -9.49 5.66
C GLY B 24 -25.62 -8.74 6.84
N THR B 25 -26.03 -9.12 8.05
CA THR B 25 -25.53 -8.46 9.25
C THR B 25 -24.09 -8.86 9.50
N GLN B 26 -23.22 -7.86 9.55
CA GLN B 26 -21.80 -8.07 9.77
C GLN B 26 -21.42 -8.07 11.25
N THR B 27 -20.45 -8.90 11.59
CA THR B 27 -19.94 -8.98 12.96
C THR B 27 -18.42 -8.95 12.86
N VAL B 28 -17.82 -7.91 13.43
CA VAL B 28 -16.38 -7.75 13.38
C VAL B 28 -15.76 -7.93 14.76
N ASN B 29 -14.78 -8.83 14.86
CA ASN B 29 -14.10 -9.04 16.13
C ASN B 29 -12.65 -8.61 15.99
N VAL B 30 -12.19 -7.83 16.96
CA VAL B 30 -10.83 -7.34 16.97
C VAL B 30 -10.16 -7.97 18.19
N LEU B 31 -9.10 -8.73 17.95
CA LEU B 31 -8.38 -9.39 19.03
C LEU B 31 -7.02 -8.75 19.24
N VAL B 32 -6.63 -8.59 20.50
CA VAL B 32 -5.33 -8.03 20.84
C VAL B 32 -4.65 -9.11 21.67
N ASN B 33 -3.48 -9.54 21.21
CA ASN B 33 -2.72 -10.60 21.86
C ASN B 33 -3.59 -11.85 21.98
N ASN B 34 -4.27 -12.17 20.89
CA ASN B 34 -5.14 -13.33 20.79
C ASN B 34 -6.40 -13.30 21.66
N GLU B 35 -6.79 -12.12 22.11
CA GLU B 35 -7.99 -11.99 22.93
C GLU B 35 -8.88 -10.87 22.42
N THR B 36 -10.17 -11.17 22.23
CA THR B 36 -11.13 -10.19 21.75
C THR B 36 -11.09 -8.95 22.64
N ALA B 37 -10.94 -7.79 22.01
CA ALA B 37 -10.89 -6.52 22.73
C ALA B 37 -12.00 -5.59 22.30
N ALA B 38 -12.63 -5.90 21.17
CA ALA B 38 -13.72 -5.09 20.65
C ALA B 38 -14.51 -5.85 19.62
N THR B 39 -15.83 -5.62 19.60
CA THR B 39 -16.71 -6.27 18.65
C THR B 39 -17.71 -5.25 18.13
N PHE B 40 -17.89 -5.21 16.82
CA PHE B 40 -18.83 -4.28 16.19
C PHE B 40 -19.77 -5.11 15.32
N SER B 41 -20.99 -4.61 15.14
CA SER B 41 -21.94 -5.30 14.29
C SER B 41 -22.91 -4.30 13.67
N GLY B 42 -23.47 -4.67 12.53
CA GLY B 42 -24.40 -3.77 11.87
C GLY B 42 -24.79 -4.30 10.51
N GLN B 43 -25.76 -3.63 9.89
CA GLN B 43 -26.24 -4.03 8.57
C GLN B 43 -26.52 -2.78 7.76
N SER B 44 -25.72 -2.58 6.72
CA SER B 44 -25.85 -1.43 5.84
C SER B 44 -25.26 -1.72 4.49
N THR B 45 -25.91 -1.22 3.44
CA THR B 45 -25.39 -1.38 2.09
C THR B 45 -24.92 0.00 1.65
N ASN B 46 -24.81 0.91 2.62
CA ASN B 46 -24.40 2.28 2.34
C ASN B 46 -23.18 2.73 3.13
N ASN B 47 -22.27 1.79 3.40
CA ASN B 47 -21.02 2.08 4.09
C ASN B 47 -21.13 2.68 5.50
N ALA B 48 -22.15 2.28 6.24
CA ALA B 48 -22.32 2.79 7.60
C ALA B 48 -21.11 2.41 8.46
N VAL B 49 -20.64 3.36 9.27
CA VAL B 49 -19.51 3.11 10.16
C VAL B 49 -20.14 2.45 11.39
N ILE B 50 -20.32 1.14 11.30
CA ILE B 50 -20.97 0.38 12.35
C ILE B 50 -20.30 0.36 13.72
N GLY B 51 -19.08 0.88 13.80
CA GLY B 51 -18.40 0.91 15.08
C GLY B 51 -16.98 1.42 15.00
N THR B 52 -16.53 2.02 16.10
CA THR B 52 -15.16 2.52 16.14
C THR B 52 -14.75 2.53 17.60
N GLN B 53 -13.45 2.33 17.86
CA GLN B 53 -12.99 2.30 19.23
C GLN B 53 -11.48 2.44 19.28
N VAL B 54 -10.97 2.91 20.41
CA VAL B 54 -9.53 3.07 20.59
C VAL B 54 -9.10 1.93 21.49
N LEU B 55 -8.09 1.19 21.05
CA LEU B 55 -7.56 0.07 21.82
C LEU B 55 -6.07 0.26 22.03
N ASN B 56 -5.51 -0.54 22.91
CA ASN B 56 -4.08 -0.47 23.17
C ASN B 56 -3.49 -1.80 22.67
N SER B 57 -2.42 -1.72 21.89
CA SER B 57 -1.80 -2.92 21.31
C SER B 57 -1.19 -3.87 22.34
N GLY B 58 -1.03 -3.40 23.58
CA GLY B 58 -0.47 -4.26 24.61
C GLY B 58 1.01 -4.60 24.44
N SER B 59 1.51 -5.50 25.28
CA SER B 59 2.91 -5.90 25.23
C SER B 59 3.33 -6.66 23.97
N SER B 60 2.40 -7.40 23.37
CA SER B 60 2.73 -8.17 22.16
C SER B 60 2.57 -7.36 20.88
N GLY B 61 1.65 -6.41 20.89
CA GLY B 61 1.40 -5.60 19.71
C GLY B 61 0.64 -6.37 18.64
N LYS B 62 0.27 -7.62 18.93
CA LYS B 62 -0.45 -8.42 17.95
C LYS B 62 -1.94 -8.07 17.88
N VAL B 63 -2.42 -7.78 16.68
CA VAL B 63 -3.82 -7.44 16.47
C VAL B 63 -4.38 -8.27 15.34
N GLN B 64 -5.55 -8.84 15.55
CA GLN B 64 -6.18 -9.64 14.51
C GLN B 64 -7.63 -9.22 14.32
N VAL B 65 -8.06 -9.17 13.07
CA VAL B 65 -9.41 -8.80 12.73
C VAL B 65 -10.11 -10.01 12.15
N GLN B 66 -11.30 -10.31 12.68
CA GLN B 66 -12.10 -11.44 12.22
C GLN B 66 -13.47 -10.91 11.81
N VAL B 67 -14.00 -11.43 10.71
CA VAL B 67 -15.31 -11.01 10.25
C VAL B 67 -16.19 -12.23 10.00
N SER B 68 -17.40 -12.19 10.54
CA SER B 68 -18.34 -13.28 10.35
C SER B 68 -19.75 -12.75 10.15
N VAL B 69 -20.56 -13.54 9.45
CA VAL B 69 -21.95 -13.20 9.19
C VAL B 69 -22.78 -14.35 9.71
N ASN B 70 -23.56 -14.09 10.76
CA ASN B 70 -24.40 -15.12 11.36
C ASN B 70 -23.54 -16.31 11.80
N GLY B 71 -22.35 -15.99 12.32
CA GLY B 71 -21.44 -17.02 12.78
C GLY B 71 -20.52 -17.60 11.72
N ARG B 72 -20.82 -17.32 10.45
CA ARG B 72 -20.01 -17.83 9.35
C ARG B 72 -18.87 -16.88 8.98
N PRO B 73 -17.62 -17.33 9.12
CA PRO B 73 -16.45 -16.52 8.80
C PRO B 73 -16.38 -16.10 7.34
N SER B 74 -16.11 -14.82 7.10
CA SER B 74 -16.01 -14.31 5.74
C SER B 74 -14.57 -14.46 5.27
N ASP B 75 -14.36 -14.42 3.96
CA ASP B 75 -13.02 -14.54 3.40
C ASP B 75 -12.37 -13.15 3.50
N LEU B 76 -11.18 -13.09 4.05
CA LEU B 76 -10.48 -11.83 4.25
C LEU B 76 -9.30 -11.50 3.33
N VAL B 77 -9.10 -10.20 3.12
CA VAL B 77 -7.98 -9.68 2.35
C VAL B 77 -7.49 -8.52 3.21
N SER B 78 -6.18 -8.29 3.21
CA SER B 78 -5.63 -7.21 4.01
C SER B 78 -4.22 -6.83 3.60
N ALA B 79 -3.75 -5.71 4.17
CA ALA B 79 -2.42 -5.21 3.93
C ALA B 79 -2.19 -4.03 4.86
N GLN B 80 -0.93 -3.67 5.05
CA GLN B 80 -0.58 -2.53 5.89
C GLN B 80 0.18 -1.55 5.03
N VAL B 81 -0.08 -0.27 5.21
CA VAL B 81 0.60 0.75 4.45
C VAL B 81 1.09 1.82 5.40
N ILE B 82 2.32 2.28 5.19
CA ILE B 82 2.92 3.31 6.02
C ILE B 82 3.27 4.51 5.15
N LEU B 83 2.78 5.68 5.52
CA LEU B 83 3.05 6.91 4.79
C LEU B 83 4.04 7.77 5.56
N THR B 84 4.98 8.37 4.84
CA THR B 84 6.04 9.20 5.39
C THR B 84 6.68 8.57 6.64
N ASN B 85 6.80 7.25 6.58
CA ASN B 85 7.43 6.45 7.64
C ASN B 85 6.89 6.79 9.03
N GLU B 86 5.61 7.15 9.10
CA GLU B 86 5.01 7.51 10.39
C GLU B 86 3.54 7.11 10.54
N LEU B 87 2.74 7.44 9.53
CA LEU B 87 1.31 7.14 9.57
C LEU B 87 1.02 5.73 9.10
N ASN B 88 0.40 4.95 9.97
CA ASN B 88 0.09 3.56 9.69
C ASN B 88 -1.38 3.22 9.47
N PHE B 89 -1.64 2.44 8.42
CA PHE B 89 -2.98 1.97 8.13
C PHE B 89 -2.92 0.47 7.96
N ALA B 90 -3.76 -0.25 8.68
CA ALA B 90 -3.85 -1.70 8.55
C ALA B 90 -5.25 -1.84 7.99
N LEU B 91 -5.35 -2.39 6.78
CA LEU B 91 -6.63 -2.50 6.09
C LEU B 91 -7.13 -3.92 5.94
N VAL B 92 -8.45 -4.09 6.06
CA VAL B 92 -9.07 -5.39 5.89
C VAL B 92 -10.36 -5.27 5.10
N GLY B 93 -10.55 -6.23 4.20
CA GLY B 93 -11.75 -6.28 3.39
C GLY B 93 -12.29 -7.67 3.62
N SER B 94 -13.57 -7.90 3.35
CA SER B 94 -14.12 -9.23 3.56
C SER B 94 -15.26 -9.53 2.61
N GLU B 95 -15.40 -10.82 2.28
CA GLU B 95 -16.46 -11.25 1.38
C GLU B 95 -17.31 -12.30 2.06
N ASP B 96 -18.61 -12.03 2.17
CA ASP B 96 -19.53 -12.96 2.81
C ASP B 96 -20.33 -13.76 1.79
N GLY B 97 -20.05 -13.54 0.51
CA GLY B 97 -20.78 -14.23 -0.53
C GLY B 97 -19.95 -14.60 -1.75
N THR B 98 -20.48 -14.37 -2.94
CA THR B 98 -19.78 -14.71 -4.17
C THR B 98 -19.74 -13.62 -5.23
N ASP B 99 -20.27 -12.44 -4.92
CA ASP B 99 -20.28 -11.35 -5.90
C ASP B 99 -18.90 -10.70 -5.87
N ASN B 100 -18.07 -11.21 -4.97
CA ASN B 100 -16.71 -10.75 -4.78
C ASN B 100 -16.42 -9.26 -4.90
N ASP B 101 -17.00 -8.48 -3.99
CA ASP B 101 -16.73 -7.05 -3.98
C ASP B 101 -15.86 -6.78 -2.75
N TYR B 102 -15.75 -7.79 -1.89
CA TYR B 102 -14.92 -7.73 -0.68
C TYR B 102 -15.05 -6.49 0.20
N ASN B 103 -16.23 -5.87 0.20
CA ASN B 103 -16.47 -4.67 1.00
C ASN B 103 -17.59 -4.93 1.99
N ASP B 104 -18.02 -6.18 2.12
CA ASP B 104 -19.13 -6.52 2.99
C ASP B 104 -18.91 -6.00 4.40
N ALA B 105 -17.67 -6.10 4.85
CA ALA B 105 -17.24 -5.57 6.13
C ALA B 105 -15.85 -5.07 5.80
N VAL B 106 -15.60 -3.79 6.04
CA VAL B 106 -14.30 -3.20 5.78
C VAL B 106 -13.80 -2.67 7.12
N VAL B 107 -12.55 -2.96 7.45
CA VAL B 107 -11.99 -2.52 8.72
C VAL B 107 -10.70 -1.76 8.50
N VAL B 108 -10.59 -0.60 9.14
CA VAL B 108 -9.40 0.22 9.06
C VAL B 108 -8.85 0.44 10.46
N ILE B 109 -7.58 0.14 10.63
CA ILE B 109 -6.87 0.33 11.88
C ILE B 109 -5.84 1.39 11.58
N ASN B 110 -5.76 2.42 12.42
CA ASN B 110 -4.79 3.47 12.20
C ASN B 110 -4.08 3.92 13.47
N TRP B 111 -2.83 4.32 13.32
CA TRP B 111 -2.02 4.81 14.44
C TRP B 111 -0.84 5.55 13.84
N PRO B 112 -0.16 6.40 14.63
CA PRO B 112 -0.45 6.73 16.03
C PRO B 112 -1.70 7.60 16.16
N LEU B 113 -2.15 7.81 17.39
CA LEU B 113 -3.32 8.65 17.64
C LEU B 113 -2.91 9.89 18.43
N GLY B 114 -3.87 10.78 18.64
CA GLY B 114 -3.62 12.00 19.40
C GLY B 114 -2.97 13.17 18.68
N ALA C 1 5.71 16.41 2.72
CA ALA C 1 6.27 15.57 3.83
C ALA C 1 7.53 14.84 3.40
N THR C 2 8.37 14.47 4.36
CA THR C 2 9.58 13.75 4.04
C THR C 2 9.21 12.47 3.31
N GLN C 3 10.02 12.09 2.33
CA GLN C 3 9.78 10.88 1.55
C GLN C 3 11.10 10.15 1.35
N GLY C 4 11.04 8.87 1.02
CA GLY C 4 12.24 8.10 0.78
C GLY C 4 13.00 7.66 2.02
N VAL C 5 12.41 7.87 3.21
CA VAL C 5 13.04 7.46 4.46
C VAL C 5 12.24 6.34 5.07
N PHE C 6 12.92 5.24 5.40
CA PHE C 6 12.24 4.07 5.96
C PHE C 6 12.98 3.53 7.18
N THR C 7 12.20 3.08 8.16
CA THR C 7 12.78 2.49 9.36
C THR C 7 12.56 0.98 9.26
N LEU C 8 13.63 0.24 9.00
CA LEU C 8 13.55 -1.22 8.92
C LEU C 8 13.99 -1.75 10.26
N PRO C 9 13.72 -3.04 10.53
CA PRO C 9 14.14 -3.60 11.81
C PRO C 9 15.65 -3.50 11.82
N ALA C 10 16.23 -3.24 12.99
CA ALA C 10 17.68 -3.11 13.08
C ALA C 10 18.42 -4.35 12.61
N ASN C 11 19.66 -4.14 12.19
CA ASN C 11 20.55 -5.22 11.74
C ASN C 11 19.87 -6.27 10.88
N THR C 12 19.14 -5.83 9.86
CA THR C 12 18.43 -6.75 8.99
C THR C 12 18.88 -6.62 7.53
N ARG C 13 19.01 -7.75 6.86
CA ARG C 13 19.43 -7.76 5.46
C ARG C 13 18.25 -7.37 4.60
N PHE C 14 18.48 -6.51 3.62
CA PHE C 14 17.41 -6.11 2.73
C PHE C 14 17.96 -5.93 1.32
N GLY C 15 17.08 -6.06 0.33
CA GLY C 15 17.51 -5.89 -1.02
C GLY C 15 17.08 -4.51 -1.49
N VAL C 16 17.86 -3.91 -2.37
CA VAL C 16 17.52 -2.62 -2.92
C VAL C 16 17.79 -2.70 -4.41
N THR C 17 16.81 -2.31 -5.19
CA THR C 17 16.94 -2.38 -6.63
C THR C 17 16.44 -1.09 -7.24
N ALA C 18 17.18 -0.57 -8.22
CA ALA C 18 16.80 0.67 -8.87
C ALA C 18 16.58 0.49 -10.36
N PHE C 19 15.51 1.08 -10.85
CA PHE C 19 15.17 1.02 -12.27
C PHE C 19 15.17 2.45 -12.79
N ALA C 20 15.48 2.62 -14.07
CA ALA C 20 15.51 3.96 -14.64
C ALA C 20 14.54 4.09 -15.80
N ASN C 21 13.85 5.22 -15.86
CA ASN C 21 12.87 5.53 -16.90
C ASN C 21 12.98 7.02 -17.17
N SER C 22 14.09 7.42 -17.76
CA SER C 22 14.33 8.84 -18.03
C SER C 22 15.49 9.01 -19.00
N SER C 23 15.48 10.13 -19.73
CA SER C 23 16.54 10.42 -20.67
C SER C 23 17.78 10.86 -19.90
N GLY C 24 17.57 11.30 -18.65
CA GLY C 24 18.68 11.75 -17.83
C GLY C 24 19.32 10.65 -17.00
N THR C 25 20.62 10.76 -16.77
CA THR C 25 21.33 9.77 -15.98
C THR C 25 20.91 9.92 -14.53
N GLN C 26 20.41 8.82 -13.97
CA GLN C 26 19.93 8.79 -12.59
C GLN C 26 21.04 8.38 -11.63
N THR C 27 21.12 9.08 -10.51
CA THR C 27 22.09 8.76 -9.47
C THR C 27 21.30 8.49 -8.21
N VAL C 28 21.28 7.22 -7.79
CA VAL C 28 20.55 6.82 -6.60
C VAL C 28 21.53 6.55 -5.48
N ASN C 29 21.35 7.23 -4.35
CA ASN C 29 22.21 7.05 -3.20
C ASN C 29 21.36 6.42 -2.11
N VAL C 30 21.84 5.32 -1.56
CA VAL C 30 21.13 4.62 -0.50
C VAL C 30 21.91 4.82 0.78
N LEU C 31 21.31 5.54 1.73
CA LEU C 31 21.97 5.81 3.00
C LEU C 31 21.50 4.89 4.10
N VAL C 32 22.45 4.44 4.92
CA VAL C 32 22.16 3.59 6.07
C VAL C 32 22.85 4.26 7.24
N ASN C 33 22.09 4.55 8.29
CA ASN C 33 22.63 5.22 9.47
C ASN C 33 23.24 6.54 9.04
N ASN C 34 22.57 7.20 8.10
CA ASN C 34 23.00 8.50 7.57
C ASN C 34 24.33 8.51 6.84
N GLU C 35 24.73 7.35 6.32
CA GLU C 35 25.98 7.23 5.57
C GLU C 35 25.70 6.48 4.27
N THR C 36 26.38 6.88 3.19
CA THR C 36 26.17 6.22 1.91
C THR C 36 26.63 4.77 1.98
N ALA C 37 25.71 3.86 1.68
CA ALA C 37 26.01 2.43 1.71
C ALA C 37 26.07 1.85 0.31
N ALA C 38 25.50 2.57 -0.65
CA ALA C 38 25.50 2.12 -2.02
C ALA C 38 25.02 3.25 -2.92
N THR C 39 25.54 3.26 -4.14
CA THR C 39 25.17 4.25 -5.13
C THR C 39 24.97 3.54 -6.45
N PHE C 40 23.88 3.85 -7.13
CA PHE C 40 23.61 3.24 -8.42
C PHE C 40 23.49 4.39 -9.41
N SER C 41 24.11 4.22 -10.57
CA SER C 41 24.07 5.25 -11.60
C SER C 41 23.91 4.63 -12.97
N GLY C 42 22.98 5.16 -13.74
CA GLY C 42 22.76 4.62 -15.07
C GLY C 42 21.66 5.39 -15.78
N GLN C 43 21.51 5.13 -17.07
CA GLN C 43 20.48 5.79 -17.85
C GLN C 43 19.70 4.75 -18.65
N SER C 44 18.39 4.92 -18.66
CA SER C 44 17.49 4.02 -19.38
C SER C 44 16.08 4.60 -19.41
N THR C 45 15.39 4.41 -20.52
CA THR C 45 14.02 4.85 -20.64
C THR C 45 13.16 3.60 -20.79
N ASN C 46 13.74 2.44 -20.46
CA ASN C 46 13.01 1.18 -20.57
C ASN C 46 13.07 0.32 -19.31
N ASN C 47 13.02 0.97 -18.16
CA ASN C 47 13.01 0.29 -16.86
C ASN C 47 14.19 -0.63 -16.58
N ALA C 48 15.36 -0.34 -17.17
CA ALA C 48 16.52 -1.20 -16.94
C ALA C 48 16.99 -1.09 -15.49
N VAL C 49 17.45 -2.21 -14.93
CA VAL C 49 17.96 -2.21 -13.56
C VAL C 49 19.33 -1.57 -13.59
N ILE C 50 19.47 -0.41 -12.94
CA ILE C 50 20.76 0.26 -12.91
C ILE C 50 21.54 -0.13 -11.68
N GLY C 51 20.93 -1.01 -10.89
CA GLY C 51 21.61 -1.49 -9.70
C GLY C 51 20.73 -2.32 -8.79
N THR C 52 21.31 -3.36 -8.21
CA THR C 52 20.59 -4.22 -7.27
C THR C 52 21.67 -4.75 -6.35
N GLN C 53 21.39 -4.75 -5.06
CA GLN C 53 22.39 -5.18 -4.09
C GLN C 53 21.74 -5.55 -2.77
N VAL C 54 22.45 -6.34 -1.97
CA VAL C 54 21.96 -6.72 -0.66
C VAL C 54 22.71 -5.88 0.36
N LEU C 55 21.97 -5.17 1.20
CA LEU C 55 22.58 -4.32 2.21
C LEU C 55 22.06 -4.73 3.57
N ASN C 56 22.54 -4.07 4.62
CA ASN C 56 22.10 -4.36 5.97
C ASN C 56 21.62 -3.05 6.58
N SER C 57 20.47 -3.08 7.25
CA SER C 57 19.91 -1.88 7.86
C SER C 57 20.78 -1.30 8.97
N GLY C 58 21.71 -2.10 9.48
CA GLY C 58 22.60 -1.63 10.51
C GLY C 58 21.97 -1.43 11.88
N SER C 59 22.71 -0.75 12.76
CA SER C 59 22.26 -0.49 14.11
C SER C 59 20.91 0.21 14.22
N SER C 60 20.77 1.34 13.53
CA SER C 60 19.54 2.13 13.58
C SER C 60 18.40 1.62 12.73
N GLY C 61 18.74 0.90 11.65
CA GLY C 61 17.72 0.39 10.77
C GLY C 61 17.17 1.50 9.89
N LYS C 62 17.69 2.71 10.08
CA LYS C 62 17.24 3.85 9.27
C LYS C 62 17.83 3.79 7.88
N VAL C 63 16.95 3.71 6.87
CA VAL C 63 17.37 3.65 5.48
C VAL C 63 16.75 4.80 4.71
N GLN C 64 17.57 5.47 3.91
CA GLN C 64 17.08 6.59 3.12
C GLN C 64 17.55 6.55 1.67
N VAL C 65 16.62 6.79 0.75
CA VAL C 65 16.92 6.79 -0.66
C VAL C 65 16.89 8.23 -1.17
N GLN C 66 17.97 8.62 -1.85
CA GLN C 66 18.06 9.95 -2.42
C GLN C 66 18.31 9.78 -3.91
N VAL C 67 17.66 10.59 -4.73
CA VAL C 67 17.86 10.50 -6.16
C VAL C 67 18.20 11.88 -6.71
N SER C 68 19.21 11.94 -7.56
CA SER C 68 19.60 13.20 -8.16
C SER C 68 19.98 12.98 -9.61
N VAL C 69 19.75 14.01 -10.42
CA VAL C 69 20.09 13.96 -11.83
C VAL C 69 20.98 15.16 -12.08
N ASN C 70 22.22 14.90 -12.49
CA ASN C 70 23.18 15.97 -12.73
C ASN C 70 23.36 16.79 -11.46
N GLY C 71 23.31 16.11 -10.31
CA GLY C 71 23.48 16.78 -9.04
C GLY C 71 22.21 17.38 -8.43
N ARG C 72 21.21 17.62 -9.27
CA ARG C 72 19.95 18.20 -8.81
C ARG C 72 19.03 17.15 -8.18
N PRO C 73 18.65 17.36 -6.91
CA PRO C 73 17.76 16.42 -6.22
C PRO C 73 16.41 16.28 -6.91
N SER C 74 15.96 15.04 -7.08
CA SER C 74 14.66 14.78 -7.70
C SER C 74 13.60 14.77 -6.61
N ASP C 75 12.36 15.12 -6.96
CA ASP C 75 11.28 15.12 -5.99
C ASP C 75 10.87 13.66 -5.79
N LEU C 76 10.67 13.24 -4.55
CA LEU C 76 10.32 11.85 -4.29
C LEU C 76 8.91 11.57 -3.77
N VAL C 77 8.45 10.34 -4.02
CA VAL C 77 7.18 9.84 -3.52
C VAL C 77 7.55 8.47 -2.97
N SER C 78 6.92 8.08 -1.87
CA SER C 78 7.24 6.79 -1.28
C SER C 78 6.18 6.28 -0.33
N ALA C 79 6.29 5.00 0.00
CA ALA C 79 5.38 4.36 0.92
C ALA C 79 5.93 2.98 1.22
N GLN C 80 5.49 2.39 2.32
CA GLN C 80 5.92 1.05 2.69
C GLN C 80 4.65 0.21 2.72
N VAL C 81 4.71 -0.97 2.14
CA VAL C 81 3.55 -1.87 2.12
C VAL C 81 4.00 -3.20 2.71
N ILE C 82 3.16 -3.77 3.56
CA ILE C 82 3.47 -5.05 4.18
C ILE C 82 2.35 -6.02 3.87
N LEU C 83 2.70 -7.17 3.29
CA LEU C 83 1.71 -8.18 2.96
C LEU C 83 1.79 -9.34 3.94
N THR C 84 0.62 -9.89 4.27
CA THR C 84 0.48 -10.99 5.23
C THR C 84 1.35 -10.81 6.46
N ASN C 85 1.47 -9.54 6.87
CA ASN C 85 2.22 -9.13 8.05
C ASN C 85 3.67 -9.64 8.11
N GLU C 86 4.25 -9.95 6.97
CA GLU C 86 5.62 -10.46 6.96
C GLU C 86 6.50 -9.96 5.81
N LEU C 87 5.89 -9.78 4.64
CA LEU C 87 6.64 -9.33 3.45
C LEU C 87 6.59 -7.82 3.30
N ASN C 88 7.76 -7.18 3.37
CA ASN C 88 7.85 -5.74 3.28
C ASN C 88 8.43 -5.15 1.99
N PHE C 89 7.79 -4.09 1.50
CA PHE C 89 8.25 -3.38 0.33
C PHE C 89 8.37 -1.91 0.72
N ALA C 90 9.53 -1.32 0.48
CA ALA C 90 9.75 0.10 0.75
C ALA C 90 9.88 0.61 -0.69
N LEU C 91 8.89 1.39 -1.12
CA LEU C 91 8.84 1.86 -2.50
C LEU C 91 9.12 3.34 -2.69
N VAL C 92 9.90 3.66 -3.72
CA VAL C 92 10.26 5.04 -4.04
C VAL C 92 10.11 5.35 -5.53
N GLY C 93 9.54 6.51 -5.81
CA GLY C 93 9.39 6.98 -7.18
C GLY C 93 10.05 8.34 -7.15
N SER C 94 10.57 8.80 -8.28
CA SER C 94 11.22 10.10 -8.29
C SER C 94 10.93 10.84 -9.60
N GLU C 95 10.88 12.16 -9.51
CA GLU C 95 10.60 12.99 -10.67
C GLU C 95 11.74 13.99 -10.86
N ASP C 96 12.37 13.96 -12.03
CA ASP C 96 13.47 14.86 -12.32
C ASP C 96 13.05 15.94 -13.31
N GLY C 97 11.77 15.93 -13.67
CA GLY C 97 11.28 16.90 -14.64
C GLY C 97 9.95 17.51 -14.31
N THR C 98 9.11 17.67 -15.33
CA THR C 98 7.79 18.29 -15.17
C THR C 98 6.61 17.42 -15.58
N ASP C 99 6.86 16.27 -16.20
CA ASP C 99 5.74 15.43 -16.64
C ASP C 99 5.09 14.62 -15.51
N ASN C 100 5.72 14.66 -14.34
CA ASN C 100 5.23 13.98 -13.15
C ASN C 100 4.83 12.51 -13.28
N ASP C 101 5.66 11.71 -13.93
CA ASP C 101 5.33 10.30 -14.04
C ASP C 101 5.98 9.57 -12.87
N TYR C 102 6.86 10.29 -12.18
CA TYR C 102 7.56 9.78 -11.00
C TYR C 102 8.18 8.39 -11.11
N ASN C 103 8.63 8.06 -12.31
CA ASN C 103 9.26 6.76 -12.55
C ASN C 103 10.67 6.95 -13.06
N ASP C 104 11.15 8.20 -13.08
CA ASP C 104 12.48 8.49 -13.60
C ASP C 104 13.54 7.60 -12.98
N ALA C 105 13.38 7.39 -11.69
CA ALA C 105 14.23 6.49 -10.94
C ALA C 105 13.22 5.84 -10.01
N VAL C 106 13.09 4.53 -10.12
CA VAL C 106 12.17 3.76 -9.28
C VAL C 106 13.04 2.85 -8.42
N VAL C 107 12.84 2.92 -7.12
CA VAL C 107 13.62 2.10 -6.18
C VAL C 107 12.72 1.21 -5.34
N VAL C 108 13.06 -0.07 -5.34
CA VAL C 108 12.32 -1.05 -4.57
C VAL C 108 13.23 -1.66 -3.52
N ILE C 109 12.81 -1.56 -2.27
CA ILE C 109 13.56 -2.14 -1.15
C ILE C 109 12.68 -3.25 -0.60
N ASN C 110 13.22 -4.45 -0.46
CA ASN C 110 12.42 -5.55 0.05
C ASN C 110 13.11 -6.35 1.14
N TRP C 111 12.32 -6.82 2.09
CA TRP C 111 12.83 -7.65 3.19
C TRP C 111 11.62 -8.34 3.81
N PRO C 112 11.85 -9.44 4.54
CA PRO C 112 13.15 -10.05 4.81
C PRO C 112 13.65 -10.83 3.59
N LEU C 113 14.95 -11.11 3.57
CA LEU C 113 15.50 -11.87 2.47
C LEU C 113 15.56 -13.34 2.92
N GLY C 114 16.08 -14.19 2.05
CA GLY C 114 16.17 -15.60 2.35
C GLY C 114 17.18 -15.96 3.41
N ALA D 1 -8.98 -15.40 -0.99
CA ALA D 1 -9.29 -14.57 -2.20
C ALA D 1 -8.22 -14.76 -3.27
N THR D 2 -8.59 -14.48 -4.51
CA THR D 2 -7.67 -14.58 -5.63
C THR D 2 -6.51 -13.61 -5.42
N GLN D 3 -5.30 -14.05 -5.70
CA GLN D 3 -4.10 -13.23 -5.55
C GLN D 3 -3.23 -13.34 -6.80
N GLY D 4 -2.42 -12.31 -7.04
CA GLY D 4 -1.51 -12.34 -8.18
C GLY D 4 -2.12 -11.97 -9.52
N VAL D 5 -3.34 -11.47 -9.49
CA VAL D 5 -4.02 -11.06 -10.71
C VAL D 5 -4.19 -9.54 -10.68
N PHE D 6 -3.79 -8.88 -11.76
CA PHE D 6 -3.87 -7.42 -11.80
C PHE D 6 -4.44 -6.92 -13.10
N THR D 7 -5.23 -5.86 -13.01
CA THR D 7 -5.80 -5.25 -14.20
C THR D 7 -5.06 -3.95 -14.45
N LEU D 8 -4.22 -3.93 -15.47
CA LEU D 8 -3.48 -2.72 -15.84
C LEU D 8 -4.22 -2.09 -17.01
N PRO D 9 -3.94 -0.82 -17.31
CA PRO D 9 -4.65 -0.22 -18.45
C PRO D 9 -4.22 -1.02 -19.68
N ALA D 10 -5.14 -1.23 -20.62
CA ALA D 10 -4.83 -2.02 -21.81
C ALA D 10 -3.66 -1.49 -22.63
N ASN D 11 -3.04 -2.39 -23.39
CA ASN D 11 -1.91 -2.06 -24.27
C ASN D 11 -0.93 -1.08 -23.64
N THR D 12 -0.47 -1.40 -22.43
CA THR D 12 0.47 -0.55 -21.71
C THR D 12 1.69 -1.36 -21.32
N ARG D 13 2.86 -0.80 -21.59
CA ARG D 13 4.12 -1.46 -21.26
C ARG D 13 4.36 -1.36 -19.75
N PHE D 14 4.80 -2.47 -19.17
CA PHE D 14 5.07 -2.50 -17.74
C PHE D 14 6.30 -3.34 -17.46
N GLY D 15 6.90 -3.12 -16.32
CA GLY D 15 8.06 -3.91 -15.97
C GLY D 15 7.66 -4.98 -14.99
N VAL D 16 8.30 -6.13 -15.09
CA VAL D 16 8.03 -7.24 -14.17
C VAL D 16 9.39 -7.77 -13.77
N THR D 17 9.62 -7.83 -12.47
CA THR D 17 10.90 -8.25 -11.91
C THR D 17 10.68 -9.27 -10.81
N ALA D 18 11.46 -10.35 -10.84
CA ALA D 18 11.33 -11.41 -9.83
C ALA D 18 12.61 -11.60 -9.02
N PHE D 19 12.45 -11.79 -7.72
CA PHE D 19 13.57 -12.00 -6.80
C PHE D 19 13.39 -13.37 -6.18
N ALA D 20 14.50 -14.04 -5.87
CA ALA D 20 14.43 -15.36 -5.26
C ALA D 20 15.06 -15.32 -3.85
N ASN D 21 14.37 -15.95 -2.90
CA ASN D 21 14.82 -16.01 -1.50
C ASN D 21 14.33 -17.31 -0.91
N SER D 22 14.82 -18.42 -1.46
CA SER D 22 14.40 -19.74 -1.01
C SER D 22 15.46 -20.78 -1.32
N SER D 23 15.40 -21.90 -0.61
CA SER D 23 16.35 -22.98 -0.83
C SER D 23 15.97 -23.71 -2.12
N GLY D 24 14.69 -23.62 -2.48
CA GLY D 24 14.21 -24.30 -3.68
C GLY D 24 14.19 -23.43 -4.92
N THR D 25 14.30 -24.07 -6.08
CA THR D 25 14.29 -23.37 -7.36
C THR D 25 12.90 -22.79 -7.57
N GLN D 26 12.84 -21.49 -7.78
CA GLN D 26 11.58 -20.81 -8.00
C GLN D 26 11.28 -20.71 -9.49
N THR D 27 10.02 -20.97 -9.86
CA THR D 27 9.60 -20.87 -11.26
C THR D 27 8.51 -19.80 -11.26
N VAL D 28 8.80 -18.69 -11.93
CA VAL D 28 7.86 -17.58 -11.99
C VAL D 28 7.31 -17.39 -13.38
N ASN D 29 5.99 -17.43 -13.48
CA ASN D 29 5.35 -17.29 -14.78
C ASN D 29 4.50 -16.03 -14.79
N VAL D 30 4.66 -15.26 -15.86
CA VAL D 30 3.90 -14.04 -16.02
C VAL D 30 3.00 -14.26 -17.23
N LEU D 31 1.69 -14.24 -16.99
CA LEU D 31 0.76 -14.43 -18.08
C LEU D 31 0.07 -13.12 -18.43
N VAL D 32 0.03 -12.85 -19.73
CA VAL D 32 -0.63 -11.66 -20.24
C VAL D 32 -1.74 -12.18 -21.13
N ASN D 33 -2.97 -11.77 -20.85
CA ASN D 33 -4.11 -12.23 -21.63
C ASN D 33 -4.17 -13.75 -21.61
N ASN D 34 -3.98 -14.32 -20.42
CA ASN D 34 -4.04 -15.77 -20.22
C ASN D 34 -3.00 -16.56 -21.02
N GLU D 35 -1.91 -15.90 -21.41
CA GLU D 35 -0.84 -16.56 -22.17
C GLU D 35 0.52 -16.26 -21.53
N THR D 36 1.34 -17.30 -21.38
CA THR D 36 2.67 -17.13 -20.80
C THR D 36 3.48 -16.17 -21.65
N ALA D 37 3.90 -15.07 -21.04
CA ALA D 37 4.66 -14.05 -21.74
C ALA D 37 6.12 -14.01 -21.30
N ALA D 38 6.39 -14.57 -20.12
CA ALA D 38 7.75 -14.60 -19.59
C ALA D 38 7.82 -15.62 -18.48
N THR D 39 8.99 -16.25 -18.33
CA THR D 39 9.20 -17.24 -17.29
C THR D 39 10.61 -17.07 -16.76
N PHE D 40 10.75 -17.11 -15.43
CA PHE D 40 12.05 -16.96 -14.80
C PHE D 40 12.20 -18.13 -13.84
N SER D 41 13.37 -18.74 -13.81
CA SER D 41 13.62 -19.86 -12.92
C SER D 41 14.99 -19.68 -12.28
N GLY D 42 15.09 -19.89 -10.98
CA GLY D 42 16.37 -19.74 -10.32
C GLY D 42 16.31 -20.01 -8.84
N GLN D 43 17.48 -20.20 -8.24
CA GLN D 43 17.57 -20.48 -6.82
C GLN D 43 18.55 -19.49 -6.18
N SER D 44 18.14 -18.90 -5.07
CA SER D 44 18.95 -17.92 -4.37
C SER D 44 18.34 -17.64 -3.00
N THR D 45 19.18 -17.41 -2.01
CA THR D 45 18.68 -17.08 -0.68
C THR D 45 19.04 -15.62 -0.45
N ASN D 46 19.65 -15.00 -1.46
CA ASN D 46 20.08 -13.61 -1.34
C ASN D 46 19.48 -12.61 -2.32
N ASN D 47 18.19 -12.76 -2.60
CA ASN D 47 17.45 -11.82 -3.43
C ASN D 47 17.95 -11.62 -4.86
N ALA D 48 18.50 -12.65 -5.47
CA ALA D 48 18.99 -12.53 -6.84
C ALA D 48 17.82 -12.15 -7.75
N VAL D 49 18.07 -11.33 -8.74
CA VAL D 49 17.02 -10.94 -9.70
C VAL D 49 17.00 -12.05 -10.72
N ILE D 50 16.10 -13.03 -10.54
CA ILE D 50 16.05 -14.14 -11.46
C ILE D 50 15.35 -13.78 -12.77
N GLY D 51 14.95 -12.52 -12.90
CA GLY D 51 14.30 -12.10 -14.13
C GLY D 51 13.69 -10.72 -14.06
N THR D 52 13.83 -9.97 -15.15
CA THR D 52 13.25 -8.64 -15.23
C THR D 52 13.09 -8.31 -16.71
N GLN D 53 11.85 -8.07 -17.13
CA GLN D 53 11.54 -7.75 -18.52
C GLN D 53 10.46 -6.71 -18.61
N VAL D 54 10.30 -6.18 -19.83
CA VAL D 54 9.26 -5.21 -20.11
C VAL D 54 8.27 -5.93 -21.03
N LEU D 55 7.01 -5.92 -20.62
CA LEU D 55 5.96 -6.57 -21.39
C LEU D 55 4.84 -5.58 -21.68
N ASN D 56 3.94 -5.95 -22.59
CA ASN D 56 2.81 -5.11 -22.94
C ASN D 56 1.56 -5.78 -22.38
N SER D 57 0.74 -5.01 -21.67
CA SER D 57 -0.47 -5.54 -21.04
C SER D 57 -1.51 -6.13 -21.99
N GLY D 58 -1.32 -5.95 -23.29
CA GLY D 58 -2.27 -6.50 -24.24
C GLY D 58 -3.61 -5.78 -24.25
N SER D 59 -4.53 -6.25 -25.09
CA SER D 59 -5.85 -5.66 -25.22
C SER D 59 -6.69 -5.75 -23.94
N SER D 60 -6.51 -6.83 -23.18
CA SER D 60 -7.25 -7.04 -21.95
C SER D 60 -6.67 -6.29 -20.76
N GLY D 61 -5.36 -6.13 -20.73
CA GLY D 61 -4.71 -5.45 -19.63
C GLY D 61 -4.56 -6.37 -18.44
N LYS D 62 -5.06 -7.60 -18.58
CA LYS D 62 -4.99 -8.58 -17.50
C LYS D 62 -3.61 -9.21 -17.38
N VAL D 63 -3.01 -9.10 -16.20
CA VAL D 63 -1.69 -9.67 -15.95
C VAL D 63 -1.76 -10.58 -14.74
N GLN D 64 -1.26 -11.80 -14.88
CA GLN D 64 -1.27 -12.75 -13.79
C GLN D 64 0.09 -13.34 -13.48
N VAL D 65 0.42 -13.41 -12.20
CA VAL D 65 1.70 -13.97 -11.78
C VAL D 65 1.44 -15.32 -11.12
N GLN D 66 2.20 -16.33 -11.54
CA GLN D 66 2.08 -17.65 -10.97
C GLN D 66 3.48 -18.08 -10.57
N VAL D 67 3.60 -18.71 -9.40
CA VAL D 67 4.90 -19.16 -8.94
C VAL D 67 4.76 -20.62 -8.53
N SER D 68 5.75 -21.42 -8.89
CA SER D 68 5.74 -22.83 -8.55
C SER D 68 7.16 -23.28 -8.26
N VAL D 69 7.27 -24.37 -7.52
CA VAL D 69 8.55 -24.94 -7.20
C VAL D 69 8.50 -26.39 -7.66
N ASN D 70 9.19 -26.67 -8.76
CA ASN D 70 9.22 -28.01 -9.32
C ASN D 70 7.82 -28.55 -9.57
N GLY D 71 7.01 -27.74 -10.25
CA GLY D 71 5.65 -28.14 -10.58
C GLY D 71 4.59 -27.86 -9.54
N ARG D 72 5.00 -27.67 -8.29
CA ARG D 72 4.06 -27.40 -7.20
C ARG D 72 3.79 -25.92 -7.00
N PRO D 73 2.54 -25.49 -7.22
CA PRO D 73 2.13 -24.08 -7.07
C PRO D 73 2.32 -23.57 -5.65
N SER D 74 2.89 -22.37 -5.52
CA SER D 74 3.09 -21.76 -4.22
C SER D 74 1.88 -20.89 -3.92
N ASP D 75 1.62 -20.67 -2.64
CA ASP D 75 0.50 -19.83 -2.23
C ASP D 75 0.95 -18.38 -2.44
N LEU D 76 0.09 -17.55 -2.99
CA LEU D 76 0.44 -16.15 -3.27
C LEU D 76 -0.26 -15.12 -2.40
N VAL D 77 0.41 -13.98 -2.23
CA VAL D 77 -0.14 -12.84 -1.50
C VAL D 77 0.15 -11.67 -2.44
N SER D 78 -0.75 -10.71 -2.55
CA SER D 78 -0.53 -9.59 -3.45
C SER D 78 -1.35 -8.35 -3.12
N ALA D 79 -0.97 -7.23 -3.76
CA ALA D 79 -1.66 -5.97 -3.57
C ALA D 79 -1.09 -5.00 -4.60
N GLN D 80 -1.83 -3.93 -4.86
CA GLN D 80 -1.39 -2.90 -5.79
C GLN D 80 -1.37 -1.59 -5.01
N VAL D 81 -0.34 -0.78 -5.21
CA VAL D 81 -0.25 0.50 -4.53
C VAL D 81 0.04 1.56 -5.58
N ILE D 82 -0.61 2.71 -5.46
CA ILE D 82 -0.43 3.80 -6.40
C ILE D 82 0.04 5.04 -5.65
N LEU D 83 1.19 5.59 -6.07
CA LEU D 83 1.74 6.77 -5.44
C LEU D 83 1.45 7.99 -6.30
N THR D 84 1.16 9.10 -5.63
CA THR D 84 0.81 10.39 -6.26
C THR D 84 -0.12 10.22 -7.45
N ASN D 85 -1.03 9.25 -7.31
CA ASN D 85 -2.05 8.94 -8.33
C ASN D 85 -1.48 8.73 -9.73
N GLU D 86 -0.23 8.30 -9.81
CA GLU D 86 0.42 8.09 -11.10
C GLU D 86 1.35 6.88 -11.20
N LEU D 87 2.13 6.64 -10.15
CA LEU D 87 3.10 5.55 -10.13
C LEU D 87 2.48 4.27 -9.57
N ASN D 88 2.48 3.21 -10.36
CA ASN D 88 1.87 1.95 -9.95
C ASN D 88 2.83 0.80 -9.65
N PHE D 89 2.56 0.11 -8.55
CA PHE D 89 3.32 -1.07 -8.17
C PHE D 89 2.33 -2.19 -7.93
N ALA D 90 2.52 -3.32 -8.60
CA ALA D 90 1.69 -4.50 -8.39
C ALA D 90 2.68 -5.41 -7.68
N LEU D 91 2.34 -5.80 -6.45
CA LEU D 91 3.24 -6.60 -5.62
C LEU D 91 2.77 -8.03 -5.39
N VAL D 92 3.71 -8.97 -5.44
CA VAL D 92 3.41 -10.38 -5.23
C VAL D 92 4.45 -11.04 -4.34
N GLY D 93 3.96 -11.87 -3.43
CA GLY D 93 4.84 -12.62 -2.54
C GLY D 93 4.38 -14.06 -2.70
N SER D 94 5.26 -15.03 -2.48
CA SER D 94 4.86 -16.43 -2.62
C SER D 94 5.50 -17.28 -1.54
N GLU D 95 4.82 -18.36 -1.18
CA GLU D 95 5.30 -19.26 -0.13
C GLU D 95 5.34 -20.71 -0.61
N ASP D 96 6.49 -21.34 -0.50
CA ASP D 96 6.63 -22.72 -0.95
C ASP D 96 6.71 -23.72 0.21
N GLY D 97 6.85 -23.21 1.43
CA GLY D 97 6.98 -24.10 2.57
C GLY D 97 6.15 -23.83 3.81
N THR D 98 6.81 -23.85 4.97
CA THR D 98 6.13 -23.64 6.25
C THR D 98 6.64 -22.51 7.14
N ASP D 99 7.31 -21.51 6.57
CA ASP D 99 7.81 -20.41 7.38
C ASP D 99 7.10 -19.08 7.10
N ASN D 100 5.95 -19.19 6.44
CA ASN D 100 5.10 -18.05 6.09
C ASN D 100 5.71 -16.66 5.92
N ASP D 101 6.87 -16.58 5.29
CA ASP D 101 7.51 -15.27 5.06
C ASP D 101 7.08 -14.75 3.69
N TYR D 102 6.56 -15.65 2.86
CA TYR D 102 6.08 -15.30 1.52
C TYR D 102 7.08 -14.51 0.69
N ASN D 103 8.37 -14.75 0.91
CA ASN D 103 9.42 -14.07 0.17
C ASN D 103 10.19 -15.06 -0.71
N ASP D 104 9.73 -16.30 -0.78
CA ASP D 104 10.45 -17.31 -1.58
C ASP D 104 10.66 -16.86 -3.01
N ALA D 105 9.65 -16.23 -3.58
CA ALA D 105 9.71 -15.65 -4.91
C ALA D 105 8.94 -14.36 -4.68
N VAL D 106 9.58 -13.24 -4.97
CA VAL D 106 8.96 -11.93 -4.80
C VAL D 106 8.92 -11.30 -6.20
N VAL D 107 7.76 -10.81 -6.58
CA VAL D 107 7.62 -10.20 -7.91
C VAL D 107 7.06 -8.79 -7.80
N VAL D 108 7.68 -7.88 -8.53
CA VAL D 108 7.25 -6.49 -8.54
C VAL D 108 6.98 -6.08 -9.98
N ILE D 109 5.79 -5.53 -10.20
CA ILE D 109 5.38 -5.04 -11.50
C ILE D 109 5.20 -3.55 -11.32
N ASN D 110 5.77 -2.77 -12.24
CA ASN D 110 5.65 -1.32 -12.13
C ASN D 110 5.34 -0.67 -13.47
N TRP D 111 4.56 0.40 -13.41
CA TRP D 111 4.19 1.15 -14.61
C TRP D 111 3.69 2.52 -14.15
N PRO D 112 3.69 3.52 -15.03
CA PRO D 112 4.10 3.52 -16.43
C PRO D 112 5.62 3.51 -16.55
N LEU D 113 6.10 3.27 -17.77
CA LEU D 113 7.53 3.24 -18.05
C LEU D 113 7.88 4.39 -18.99
N GLY D 114 9.18 4.59 -19.21
CA GLY D 114 9.65 5.62 -20.10
C GLY D 114 9.90 7.00 -19.51
#